data_9GQ5
#
_entry.id   9GQ5
#
_cell.length_a   48.802
_cell.length_b   48.802
_cell.length_c   193.96
_cell.angle_alpha   90
_cell.angle_beta   90
_cell.angle_gamma   120
#
_symmetry.space_group_name_H-M   'P 32 2 1'
#
loop_
_entity.id
_entity.type
_entity.pdbx_description
1 polymer 'Peptidyl-prolyl cis-trans isomerase FKBP5'
2 non-polymer (2~{S},9~{S},14~{E})-2-cyclohexyl-20,23-dimethoxy-11,18-dioxa-4-azatricyclo[17.2.2.0^{4,9}]tricosa-1(22),14,19(23),20-tetraene-3,10-dione
3 water water
#
_entity_poly.entity_id   1
_entity_poly.type   'polypeptide(L)'
_entity_poly.pdbx_seq_one_letter_code
;GAPATVTEQGEDITSKKDRGVLKIVKRVGNGEETPMIGDKVYVHYKGKLSNGKKFDSSHDRNEPFVFSLGKGQVIKAWDI
GVATMKKGEIAHLLIKPEYAYGSAGSLPKIPSNATLFFEIELLDFKGE
;
_entity_poly.pdbx_strand_id   A,B
#
loop_
_chem_comp.id
_chem_comp.type
_chem_comp.name
_chem_comp.formula
A1IN3 non-polymer (2~{S},9~{S},14~{E})-2-cyclohexyl-20,23-dimethoxy-11,18-dioxa-4-azatricyclo[17.2.2.0^{4,9}]tricosa-1(22),14,19(23),20-tetraene-3,10-dione 'C28 H39 N O6'
#
# COMPACT_ATOMS: atom_id res chain seq x y z
N THR A 5 7.75 -0.88 -30.80
CA THR A 5 8.03 -1.08 -29.35
C THR A 5 6.91 -1.90 -28.69
N VAL A 6 7.28 -2.53 -27.54
CA VAL A 6 6.47 -3.44 -26.75
C VAL A 6 6.39 -2.83 -25.35
N THR A 7 5.25 -3.03 -24.67
CA THR A 7 5.03 -2.55 -23.29
C THR A 7 6.12 -3.09 -22.34
N GLU A 8 6.29 -4.41 -22.31
CA GLU A 8 7.31 -5.10 -21.52
C GLU A 8 8.70 -4.96 -22.16
N GLN A 9 9.11 -3.70 -22.35
CA GLN A 9 10.51 -3.40 -22.75
C GLN A 9 11.24 -2.59 -21.66
N GLY A 10 12.58 -2.51 -21.75
CA GLY A 10 13.38 -2.06 -20.62
C GLY A 10 14.15 -3.21 -19.95
N GLU A 11 15.21 -2.83 -19.22
CA GLU A 11 15.98 -3.75 -18.40
C GLU A 11 15.23 -4.07 -17.11
N ASP A 12 15.15 -5.37 -16.78
CA ASP A 12 14.64 -5.83 -15.51
C ASP A 12 15.71 -5.59 -14.44
N ILE A 13 15.45 -4.63 -13.54
CA ILE A 13 16.42 -4.29 -12.51
C ILE A 13 16.02 -4.88 -11.15
N THR A 14 15.04 -5.78 -11.11
CA THR A 14 14.74 -6.56 -9.90
C THR A 14 15.80 -7.62 -9.61
N SER A 15 15.94 -7.94 -8.33
CA SER A 15 16.89 -8.94 -7.93
C SER A 15 16.37 -10.33 -8.24
N LYS A 16 15.04 -10.45 -8.21
CA LYS A 16 14.35 -11.71 -8.41
C LYS A 16 14.18 -12.00 -9.91
N LYS A 17 14.45 -11.01 -10.76
CA LYS A 17 14.29 -11.11 -12.21
C LYS A 17 12.86 -11.53 -12.60
N ASP A 18 11.86 -10.83 -12.06
CA ASP A 18 10.45 -11.12 -12.33
C ASP A 18 9.83 -10.05 -13.24
N ARG A 19 10.69 -9.24 -13.87
CA ARG A 19 10.25 -8.27 -14.87
C ARG A 19 9.22 -7.32 -14.31
N GLY A 20 9.32 -7.05 -12.99
CA GLY A 20 8.40 -6.22 -12.26
C GLY A 20 8.83 -4.76 -12.14
N VAL A 21 10.13 -4.47 -12.34
CA VAL A 21 10.59 -3.11 -12.52
C VAL A 21 11.43 -3.10 -13.78
N LEU A 22 10.96 -2.40 -14.83
CA LEU A 22 11.64 -2.29 -16.10
C LEU A 22 12.14 -0.87 -16.29
N LYS A 23 13.44 -0.76 -16.70
CA LYS A 23 14.03 0.55 -16.76
C LYS A 23 14.61 0.81 -18.16
N ILE A 24 14.42 2.05 -18.63
CA ILE A 24 15.11 2.61 -19.77
C ILE A 24 15.75 3.92 -19.36
N VAL A 25 17.04 4.08 -19.74
CA VAL A 25 17.77 5.33 -19.59
C VAL A 25 17.40 6.20 -20.78
N LYS A 26 16.88 7.40 -20.54
CA LYS A 26 16.47 8.29 -21.63
C LYS A 26 17.51 9.39 -21.87
N ARG A 27 18.14 9.88 -20.80
CA ARG A 27 19.26 10.79 -20.94
C ARG A 27 20.34 10.24 -20.02
N VAL A 28 21.54 10.02 -20.56
CA VAL A 28 22.66 9.49 -19.79
C VAL A 28 23.13 10.60 -18.85
N GLY A 29 23.38 10.23 -17.57
CA GLY A 29 24.02 11.08 -16.58
C GLY A 29 25.54 11.04 -16.71
N ASN A 30 26.26 11.32 -15.63
CA ASN A 30 27.72 11.42 -15.63
C ASN A 30 28.25 10.98 -14.25
N GLY A 31 29.54 10.71 -14.15
CA GLY A 31 30.12 10.11 -12.95
C GLY A 31 29.85 8.62 -12.93
N GLU A 32 30.76 7.86 -12.31
CA GLU A 32 30.66 6.41 -12.24
C GLU A 32 29.81 5.99 -11.03
N GLU A 33 29.47 6.93 -10.13
CA GLU A 33 28.84 6.61 -8.87
C GLU A 33 27.32 6.68 -8.96
N THR A 34 26.66 5.60 -8.57
CA THR A 34 25.25 5.63 -8.27
C THR A 34 25.08 5.91 -6.79
N PRO A 35 23.91 6.33 -6.28
CA PRO A 35 23.74 6.53 -4.85
C PRO A 35 23.83 5.21 -4.05
N MET A 36 24.38 5.32 -2.83
CA MET A 36 24.37 4.24 -1.84
C MET A 36 23.08 4.32 -1.00
N ILE A 37 22.69 3.20 -0.38
CA ILE A 37 21.58 3.18 0.55
C ILE A 37 21.89 4.14 1.71
N GLY A 38 20.95 5.04 2.03
CA GLY A 38 21.16 6.06 3.03
C GLY A 38 21.32 7.48 2.48
N ASP A 39 21.74 7.60 1.21
CA ASP A 39 21.93 8.91 0.59
C ASP A 39 20.62 9.71 0.62
N LYS A 40 20.76 11.03 0.84
CA LYS A 40 19.67 11.99 0.62
C LYS A 40 19.65 12.32 -0.87
N VAL A 41 18.57 11.90 -1.55
CA VAL A 41 18.49 11.91 -3.01
C VAL A 41 17.48 12.95 -3.45
N TYR A 42 17.86 13.73 -4.47
CA TYR A 42 17.05 14.83 -4.98
C TYR A 42 16.65 14.50 -6.44
N VAL A 43 15.34 14.42 -6.72
CA VAL A 43 14.88 14.14 -8.09
C VAL A 43 13.81 15.14 -8.50
N HIS A 44 13.58 15.22 -9.82
CA HIS A 44 12.29 15.63 -10.35
C HIS A 44 11.65 14.42 -11.02
N TYR A 45 10.32 14.32 -10.97
CA TYR A 45 9.67 13.19 -11.60
C TYR A 45 8.34 13.58 -12.19
N LYS A 46 7.89 12.75 -13.13
CA LYS A 46 6.55 12.79 -13.67
C LYS A 46 6.05 11.35 -13.59
N GLY A 47 4.92 11.16 -12.93
CA GLY A 47 4.40 9.84 -12.71
C GLY A 47 2.97 9.76 -13.21
N LYS A 48 2.49 8.52 -13.36
CA LYS A 48 1.10 8.30 -13.74
C LYS A 48 0.77 6.84 -13.53
N LEU A 49 -0.53 6.58 -13.44
CA LEU A 49 -1.05 5.22 -13.59
C LEU A 49 -0.94 4.90 -15.07
N SER A 50 -0.71 3.62 -15.42
CA SER A 50 -0.66 3.23 -16.82
C SER A 50 -2.03 3.41 -17.51
N ASN A 51 -3.12 3.41 -16.73
CA ASN A 51 -4.46 3.50 -17.30
C ASN A 51 -4.82 4.94 -17.68
N GLY A 52 -3.92 5.90 -17.38
CA GLY A 52 -4.02 7.27 -17.83
C GLY A 52 -5.04 8.10 -17.06
N LYS A 53 -5.37 7.69 -15.83
CA LYS A 53 -6.46 8.35 -15.10
C LYS A 53 -5.91 9.30 -14.03
N LYS A 54 -4.63 9.17 -13.64
CA LYS A 54 -3.99 10.07 -12.69
C LYS A 54 -2.56 10.35 -13.15
N PHE A 55 -2.15 11.62 -12.98
CA PHE A 55 -0.80 12.11 -13.24
C PHE A 55 -0.30 12.95 -12.08
N ASP A 56 0.97 12.85 -11.79
CA ASP A 56 1.54 13.52 -10.63
C ASP A 56 2.94 13.97 -11.03
N SER A 57 3.30 15.22 -10.76
CA SER A 57 4.66 15.65 -11.06
C SER A 57 5.19 16.52 -9.93
N SER A 58 6.49 16.38 -9.66
CA SER A 58 7.18 17.24 -8.71
C SER A 58 7.03 18.70 -9.14
N HIS A 59 6.93 18.92 -10.46
CA HIS A 59 6.80 20.25 -11.03
C HIS A 59 5.51 20.93 -10.60
N ASP A 60 4.46 20.14 -10.30
CA ASP A 60 3.21 20.65 -9.74
C ASP A 60 3.43 21.38 -8.42
N ARG A 61 4.48 21.02 -7.67
CA ARG A 61 4.78 21.63 -6.38
C ARG A 61 5.90 22.68 -6.54
N ASN A 62 6.38 22.89 -7.77
CA ASN A 62 7.49 23.79 -8.05
C ASN A 62 8.63 23.57 -7.05
N GLU A 63 9.01 22.30 -6.80
CA GLU A 63 10.18 22.01 -5.98
C GLU A 63 10.65 20.57 -6.21
N PRO A 64 11.97 20.30 -6.16
CA PRO A 64 12.46 18.93 -6.23
C PRO A 64 11.84 18.06 -5.14
N PHE A 65 11.63 16.79 -5.46
CA PHE A 65 11.28 15.76 -4.49
C PHE A 65 12.54 15.18 -3.87
N VAL A 66 12.57 15.20 -2.53
CA VAL A 66 13.73 14.72 -1.78
C VAL A 66 13.28 13.54 -0.92
N PHE A 67 14.13 12.51 -0.82
CA PHE A 67 13.88 11.34 -0.01
C PHE A 67 15.22 10.63 0.28
N SER A 68 15.20 9.74 1.28
CA SER A 68 16.40 9.02 1.67
C SER A 68 16.35 7.61 1.08
N LEU A 69 17.40 7.24 0.32
CA LEU A 69 17.38 6.04 -0.50
C LEU A 69 17.40 4.79 0.37
N GLY A 70 16.52 3.83 0.07
CA GLY A 70 16.49 2.55 0.76
C GLY A 70 15.90 2.62 2.18
N LYS A 71 15.29 3.75 2.56
CA LYS A 71 14.68 3.83 3.86
C LYS A 71 13.21 3.43 3.74
N GLY A 72 12.77 3.00 2.54
CA GLY A 72 11.37 2.72 2.22
C GLY A 72 10.41 3.90 2.43
N GLN A 73 10.84 5.14 2.11
CA GLN A 73 9.98 6.32 2.18
C GLN A 73 9.17 6.43 0.89
N VAL A 74 9.62 5.70 -0.12
CA VAL A 74 9.02 5.62 -1.44
C VAL A 74 8.73 4.15 -1.71
N ILE A 75 8.03 3.88 -2.80
CA ILE A 75 7.80 2.51 -3.19
C ILE A 75 9.12 1.79 -3.52
N LYS A 76 9.05 0.46 -3.44
CA LYS A 76 10.20 -0.43 -3.57
C LYS A 76 10.89 -0.16 -4.91
N ALA A 77 10.11 0.01 -6.00
CA ALA A 77 10.67 0.28 -7.31
C ALA A 77 11.53 1.55 -7.36
N TRP A 78 11.24 2.56 -6.55
CA TRP A 78 12.06 3.74 -6.52
C TRP A 78 13.38 3.46 -5.82
N ASP A 79 13.33 2.77 -4.68
CA ASP A 79 14.57 2.45 -3.97
C ASP A 79 15.46 1.61 -4.89
N ILE A 80 14.89 0.67 -5.62
CA ILE A 80 15.67 -0.15 -6.52
C ILE A 80 16.12 0.70 -7.70
N GLY A 81 15.22 1.51 -8.24
CA GLY A 81 15.47 2.16 -9.51
C GLY A 81 16.43 3.35 -9.42
N VAL A 82 16.24 4.16 -8.39
CA VAL A 82 17.08 5.32 -8.21
C VAL A 82 18.49 4.90 -7.82
N ALA A 83 18.65 3.73 -7.13
CA ALA A 83 19.97 3.24 -6.80
C ALA A 83 20.79 2.88 -8.05
N THR A 84 20.14 2.68 -9.20
CA THR A 84 20.86 2.38 -10.44
C THR A 84 21.24 3.65 -11.19
N MET A 85 20.83 4.85 -10.73
CA MET A 85 20.91 6.01 -11.63
C MET A 85 22.13 6.89 -11.34
N LYS A 86 22.61 7.61 -12.35
CA LYS A 86 23.71 8.56 -12.17
C LYS A 86 23.16 9.98 -12.12
N LYS A 87 23.97 10.91 -11.62
CA LYS A 87 23.57 12.31 -11.54
C LYS A 87 23.30 12.83 -12.95
N GLY A 88 22.18 13.55 -13.10
CA GLY A 88 21.82 14.13 -14.39
C GLY A 88 21.07 13.15 -15.29
N GLU A 89 20.99 11.86 -14.91
CA GLU A 89 20.27 10.84 -15.66
C GLU A 89 18.76 11.08 -15.58
N ILE A 90 18.11 10.96 -16.74
CA ILE A 90 16.67 10.80 -16.77
C ILE A 90 16.40 9.36 -17.18
N ALA A 91 15.58 8.68 -16.36
CA ALA A 91 15.17 7.30 -16.64
C ALA A 91 13.65 7.17 -16.59
N HIS A 92 13.17 6.12 -17.24
CA HIS A 92 11.78 5.68 -17.18
C HIS A 92 11.71 4.32 -16.52
N LEU A 93 10.67 4.16 -15.66
CA LEU A 93 10.47 2.95 -14.89
C LEU A 93 9.02 2.52 -15.08
N LEU A 94 8.80 1.28 -15.55
CA LEU A 94 7.47 0.66 -15.57
C LEU A 94 7.44 -0.40 -14.47
N ILE A 95 6.44 -0.24 -13.63
CA ILE A 95 6.40 -0.85 -12.34
C ILE A 95 5.08 -1.61 -12.20
N LYS A 96 5.24 -2.92 -11.99
CA LYS A 96 4.17 -3.80 -11.58
C LYS A 96 3.76 -3.53 -10.13
N PRO A 97 2.53 -3.93 -9.73
CA PRO A 97 2.02 -3.56 -8.40
C PRO A 97 2.85 -4.09 -7.25
N GLU A 98 3.47 -5.26 -7.42
CA GLU A 98 4.32 -5.85 -6.40
C GLU A 98 5.48 -4.94 -5.93
N TYR A 99 5.88 -3.94 -6.72
CA TYR A 99 6.96 -3.03 -6.38
C TYR A 99 6.42 -1.61 -6.21
N ALA A 100 5.10 -1.49 -6.04
CA ALA A 100 4.41 -0.23 -5.85
C ALA A 100 3.40 -0.40 -4.71
N TYR A 101 2.08 -0.47 -5.02
CA TYR A 101 1.13 -0.42 -3.91
C TYR A 101 0.30 -1.70 -3.74
N GLY A 102 0.62 -2.72 -4.52
CA GLY A 102 0.21 -4.09 -4.21
C GLY A 102 -1.28 -4.33 -4.47
N SER A 103 -1.79 -5.43 -3.88
CA SER A 103 -3.21 -5.69 -4.08
C SER A 103 -4.06 -4.72 -3.27
N ALA A 104 -3.56 -4.25 -2.10
CA ALA A 104 -4.23 -3.27 -1.27
C ALA A 104 -4.43 -1.94 -1.98
N GLY A 105 -3.45 -1.56 -2.83
CA GLY A 105 -3.43 -0.23 -3.43
C GLY A 105 -3.30 0.82 -2.35
N SER A 106 -3.69 2.04 -2.69
CA SER A 106 -3.48 3.17 -1.83
C SER A 106 -4.54 4.22 -2.17
N LEU A 107 -5.78 3.87 -1.84
CA LEU A 107 -6.92 4.69 -2.16
C LEU A 107 -6.90 5.99 -1.36
N PRO A 108 -7.44 7.09 -1.92
CA PRO A 108 -8.05 7.09 -3.25
C PRO A 108 -7.08 7.30 -4.42
N LYS A 109 -5.81 7.57 -4.19
CA LYS A 109 -4.90 7.84 -5.31
C LYS A 109 -4.64 6.62 -6.22
N ILE A 110 -4.37 5.45 -5.64
CA ILE A 110 -3.88 4.32 -6.40
C ILE A 110 -4.84 3.15 -6.25
N PRO A 111 -5.42 2.57 -7.35
CA PRO A 111 -6.30 1.42 -7.20
C PRO A 111 -5.51 0.16 -6.89
N SER A 112 -6.21 -0.88 -6.46
CA SER A 112 -5.65 -2.22 -6.32
C SER A 112 -4.92 -2.62 -7.61
N ASN A 113 -3.75 -3.23 -7.47
CA ASN A 113 -3.08 -3.92 -8.57
C ASN A 113 -2.64 -2.95 -9.66
N ALA A 114 -2.26 -1.71 -9.31
CA ALA A 114 -2.02 -0.70 -10.35
C ALA A 114 -0.59 -0.83 -10.86
N THR A 115 -0.40 -0.68 -12.18
CA THR A 115 0.91 -0.53 -12.78
C THR A 115 1.18 0.97 -12.87
N LEU A 116 2.44 1.38 -12.57
CA LEU A 116 2.80 2.78 -12.57
C LEU A 116 3.96 2.99 -13.55
N PHE A 117 3.99 4.18 -14.12
CA PHE A 117 5.11 4.68 -14.88
C PHE A 117 5.64 5.98 -14.27
N PHE A 118 6.97 6.10 -14.29
CA PHE A 118 7.63 7.33 -13.89
C PHE A 118 8.73 7.69 -14.86
N GLU A 119 8.86 8.99 -15.09
CA GLU A 119 10.07 9.57 -15.61
C GLU A 119 10.75 10.24 -14.42
N ILE A 120 12.04 9.90 -14.20
CA ILE A 120 12.75 10.41 -13.06
C ILE A 120 14.04 11.06 -13.54
N GLU A 121 14.21 12.30 -13.12
CA GLU A 121 15.49 13.00 -13.28
C GLU A 121 16.23 13.00 -11.94
N LEU A 122 17.39 12.32 -11.90
CA LEU A 122 18.26 12.36 -10.73
C LEU A 122 19.10 13.64 -10.73
N LEU A 123 18.68 14.61 -9.89
CA LEU A 123 19.27 15.95 -9.88
C LEU A 123 20.58 15.91 -9.10
N ASP A 124 20.54 15.37 -7.87
CA ASP A 124 21.71 15.32 -7.01
C ASP A 124 21.51 14.28 -5.90
N PHE A 125 22.62 13.86 -5.28
CA PHE A 125 22.57 13.02 -4.08
C PHE A 125 23.78 13.30 -3.18
N LYS A 126 23.52 13.39 -1.86
CA LYS A 126 24.53 13.67 -0.85
C LYS A 126 24.49 12.55 0.20
N GLY A 127 25.65 12.14 0.73
CA GLY A 127 25.67 11.07 1.71
C GLY A 127 25.24 11.60 3.08
N GLU A 128 24.35 10.88 3.79
CA GLU A 128 23.80 11.35 5.06
C GLU A 128 24.91 12.07 5.88
N GLY B 1 -27.88 -11.03 10.34
CA GLY B 1 -26.91 -11.52 11.34
C GLY B 1 -25.83 -10.47 11.54
N ALA B 2 -24.58 -10.93 11.51
CA ALA B 2 -23.48 -10.21 12.13
C ALA B 2 -23.25 -8.86 11.48
N PRO B 3 -23.31 -8.76 10.13
CA PRO B 3 -23.15 -7.48 9.43
C PRO B 3 -24.25 -6.45 9.71
N ALA B 4 -25.48 -6.92 9.74
CA ALA B 4 -26.63 -6.10 10.08
C ALA B 4 -26.55 -5.54 11.51
N THR B 5 -26.13 -6.37 12.48
CA THR B 5 -25.86 -5.91 13.84
C THR B 5 -24.79 -4.81 13.77
N VAL B 6 -23.87 -4.87 12.81
CA VAL B 6 -22.83 -3.87 12.76
C VAL B 6 -23.41 -2.53 12.26
N THR B 7 -24.19 -2.56 11.19
CA THR B 7 -24.95 -1.40 10.75
C THR B 7 -25.74 -0.80 11.92
N GLU B 8 -26.35 -1.67 12.73
CA GLU B 8 -27.27 -1.25 13.77
C GLU B 8 -26.55 -0.71 15.00
N GLN B 9 -25.45 -1.34 15.42
CA GLN B 9 -24.88 -1.08 16.73
C GLN B 9 -23.40 -0.73 16.62
N GLY B 10 -22.87 -0.71 15.40
CA GLY B 10 -21.45 -0.46 15.18
C GLY B 10 -21.09 0.99 15.51
N GLU B 11 -19.91 1.15 16.13
CA GLU B 11 -19.29 2.44 16.36
C GLU B 11 -18.65 2.89 15.04
N ASP B 12 -18.85 4.16 14.67
CA ASP B 12 -18.19 4.71 13.51
C ASP B 12 -16.80 5.12 13.95
N ILE B 13 -15.76 4.43 13.44
CA ILE B 13 -14.37 4.74 13.87
C ILE B 13 -13.60 5.55 12.81
N THR B 14 -14.27 6.12 11.81
CA THR B 14 -13.59 7.04 10.88
C THR B 14 -13.43 8.42 11.51
N SER B 15 -12.42 9.14 10.99
CA SER B 15 -12.13 10.48 11.42
C SER B 15 -13.16 11.45 10.87
N LYS B 16 -13.65 11.13 9.67
CA LYS B 16 -14.59 12.02 8.99
C LYS B 16 -16.02 11.73 9.45
N LYS B 17 -16.24 10.63 10.18
CA LYS B 17 -17.55 10.27 10.73
C LYS B 17 -18.56 10.08 9.59
N ASP B 18 -18.14 9.26 8.61
CA ASP B 18 -18.88 9.00 7.38
C ASP B 18 -19.42 7.59 7.38
N ARG B 19 -19.41 6.94 8.55
CA ARG B 19 -19.74 5.53 8.67
C ARG B 19 -19.08 4.62 7.65
N GLY B 20 -17.85 4.99 7.22
CA GLY B 20 -17.14 4.17 6.25
C GLY B 20 -16.50 2.95 6.88
N VAL B 21 -16.23 3.01 8.18
CA VAL B 21 -15.77 1.83 8.90
C VAL B 21 -16.56 1.76 10.19
N LEU B 22 -17.41 0.73 10.33
CA LEU B 22 -18.16 0.50 11.54
C LEU B 22 -17.61 -0.68 12.32
N LYS B 23 -17.64 -0.58 13.66
CA LYS B 23 -17.08 -1.64 14.49
C LYS B 23 -17.93 -2.03 15.68
N ILE B 24 -17.99 -3.36 15.96
CA ILE B 24 -18.39 -3.87 17.26
C ILE B 24 -17.27 -4.77 17.76
N VAL B 25 -16.91 -4.60 19.04
CA VAL B 25 -16.10 -5.54 19.80
C VAL B 25 -16.98 -6.74 20.18
N LYS B 26 -16.59 -7.96 19.76
CA LYS B 26 -17.40 -9.13 20.08
C LYS B 26 -16.77 -9.93 21.23
N ARG B 27 -15.43 -9.96 21.34
CA ARG B 27 -14.79 -10.48 22.55
C ARG B 27 -13.73 -9.46 22.98
N VAL B 28 -13.73 -9.09 24.26
CA VAL B 28 -12.86 -8.05 24.76
C VAL B 28 -11.47 -8.65 24.91
N GLY B 29 -10.46 -7.86 24.52
CA GLY B 29 -9.05 -8.14 24.76
C GLY B 29 -8.61 -7.77 26.18
N ASN B 30 -7.31 -7.48 26.33
CA ASN B 30 -6.71 -7.10 27.60
C ASN B 30 -5.58 -6.11 27.33
N GLY B 31 -5.12 -5.42 28.38
CA GLY B 31 -4.13 -4.36 28.22
C GLY B 31 -4.78 -3.09 27.70
N GLU B 32 -4.15 -1.94 28.03
CA GLU B 32 -4.63 -0.62 27.64
C GLU B 32 -4.10 -0.25 26.24
N GLU B 33 -3.12 -1.02 25.72
CA GLU B 33 -2.30 -0.62 24.58
C GLU B 33 -2.91 -1.15 23.29
N THR B 34 -3.21 -0.22 22.37
CA THR B 34 -3.60 -0.60 21.02
C THR B 34 -2.35 -0.54 20.17
N PRO B 35 -2.29 -1.17 18.99
CA PRO B 35 -1.11 -1.02 18.14
C PRO B 35 -0.92 0.40 17.61
N MET B 36 0.36 0.83 17.54
CA MET B 36 0.74 2.08 16.90
C MET B 36 1.13 1.80 15.44
N ILE B 37 1.15 2.85 14.60
CA ILE B 37 1.66 2.75 13.24
C ILE B 37 3.12 2.26 13.29
N GLY B 38 3.42 1.22 12.49
CA GLY B 38 4.74 0.62 12.47
C GLY B 38 4.71 -0.83 12.94
N ASP B 39 3.84 -1.11 13.89
CA ASP B 39 3.84 -2.40 14.58
C ASP B 39 3.67 -3.57 13.59
N LYS B 40 4.37 -4.68 13.86
CA LYS B 40 4.11 -5.93 13.18
C LYS B 40 2.95 -6.62 13.90
N VAL B 41 1.82 -6.78 13.18
CA VAL B 41 0.55 -7.18 13.75
C VAL B 41 0.16 -8.57 13.23
N TYR B 42 -0.27 -9.44 14.14
CA TYR B 42 -0.64 -10.81 13.83
C TYR B 42 -2.15 -10.99 14.10
N VAL B 43 -2.94 -11.39 13.08
CA VAL B 43 -4.37 -11.59 13.28
C VAL B 43 -4.80 -12.94 12.70
N HIS B 44 -5.99 -13.37 13.12
CA HIS B 44 -6.84 -14.30 12.36
C HIS B 44 -8.07 -13.53 11.90
N TYR B 45 -8.61 -13.87 10.73
CA TYR B 45 -9.76 -13.12 10.26
C TYR B 45 -10.63 -14.01 9.40
N LYS B 46 -11.91 -13.60 9.32
CA LYS B 46 -12.87 -14.15 8.38
C LYS B 46 -13.48 -12.97 7.65
N GLY B 47 -13.43 -12.99 6.33
CA GLY B 47 -13.89 -11.85 5.56
C GLY B 47 -14.88 -12.31 4.49
N LYS B 48 -15.78 -11.44 4.07
CA LYS B 48 -16.69 -11.74 2.98
C LYS B 48 -17.16 -10.45 2.31
N LEU B 49 -17.66 -10.60 1.10
CA LEU B 49 -18.24 -9.50 0.39
C LEU B 49 -19.66 -9.42 0.90
N SER B 50 -20.19 -8.20 0.93
CA SER B 50 -21.59 -7.94 1.13
C SER B 50 -22.49 -8.62 0.09
N ASN B 51 -22.01 -8.96 -1.11
CA ASN B 51 -22.86 -9.63 -2.08
C ASN B 51 -22.98 -11.13 -1.78
N GLY B 52 -22.27 -11.65 -0.77
CA GLY B 52 -22.46 -13.02 -0.33
C GLY B 52 -21.72 -14.07 -1.17
N LYS B 53 -20.79 -13.64 -2.06
CA LYS B 53 -20.32 -14.54 -3.11
C LYS B 53 -18.86 -14.94 -2.86
N LYS B 54 -18.15 -14.30 -1.92
CA LYS B 54 -16.75 -14.67 -1.66
C LYS B 54 -16.52 -14.61 -0.15
N PHE B 55 -15.86 -15.66 0.35
CA PHE B 55 -15.42 -15.74 1.74
C PHE B 55 -13.95 -16.14 1.80
N ASP B 56 -13.24 -15.56 2.75
CA ASP B 56 -11.82 -15.82 2.88
C ASP B 56 -11.52 -15.84 4.38
N SER B 57 -10.69 -16.79 4.79
CA SER B 57 -10.26 -16.85 6.17
C SER B 57 -8.79 -17.17 6.22
N SER B 58 -8.09 -16.51 7.14
CA SER B 58 -6.71 -16.83 7.44
C SER B 58 -6.56 -18.31 7.76
N HIS B 59 -7.60 -18.89 8.39
CA HIS B 59 -7.59 -20.30 8.75
C HIS B 59 -7.45 -21.24 7.53
N ASP B 60 -7.93 -20.79 6.36
CA ASP B 60 -7.79 -21.53 5.11
C ASP B 60 -6.32 -21.71 4.72
N ARG B 61 -5.43 -20.85 5.23
CA ARG B 61 -3.99 -20.93 4.96
C ARG B 61 -3.26 -21.59 6.15
N ASN B 62 -4.02 -22.06 7.15
CA ASN B 62 -3.46 -22.69 8.35
C ASN B 62 -2.34 -21.83 8.94
N GLU B 63 -2.51 -20.50 9.02
CA GLU B 63 -1.51 -19.67 9.69
C GLU B 63 -2.03 -18.22 9.83
N PRO B 64 -1.61 -17.49 10.89
CA PRO B 64 -1.96 -16.09 11.03
C PRO B 64 -1.68 -15.27 9.78
N PHE B 65 -2.48 -14.23 9.59
CA PHE B 65 -2.22 -13.13 8.69
C PHE B 65 -1.37 -12.07 9.41
N VAL B 66 -0.23 -11.73 8.81
CA VAL B 66 0.74 -10.84 9.44
C VAL B 66 0.93 -9.65 8.51
N PHE B 67 0.98 -8.45 9.10
CA PHE B 67 1.12 -7.23 8.31
C PHE B 67 1.62 -6.13 9.24
N SER B 68 2.22 -5.10 8.64
CA SER B 68 2.75 -3.98 9.40
C SER B 68 1.71 -2.86 9.36
N LEU B 69 1.28 -2.41 10.54
CA LEU B 69 0.18 -1.49 10.65
C LEU B 69 0.56 -0.12 10.09
N GLY B 70 -0.32 0.43 9.24
CA GLY B 70 -0.11 1.77 8.68
C GLY B 70 0.96 1.80 7.60
N LYS B 71 1.37 0.63 7.07
CA LYS B 71 2.50 0.61 6.14
C LYS B 71 2.00 0.25 4.74
N GLY B 72 0.71 0.53 4.50
CA GLY B 72 0.00 0.31 3.23
C GLY B 72 -0.02 -1.14 2.74
N GLN B 73 -0.13 -2.11 3.64
CA GLN B 73 -0.13 -3.50 3.21
C GLN B 73 -1.55 -4.03 3.12
N VAL B 74 -2.48 -3.30 3.73
CA VAL B 74 -3.88 -3.75 3.85
C VAL B 74 -4.77 -2.55 3.48
N ILE B 75 -6.03 -2.79 3.26
CA ILE B 75 -6.98 -1.70 3.03
C ILE B 75 -7.02 -0.74 4.21
N LYS B 76 -7.36 0.53 3.88
CA LYS B 76 -7.35 1.61 4.85
C LYS B 76 -8.19 1.20 6.05
N ALA B 77 -9.31 0.50 5.87
CA ALA B 77 -10.17 0.17 7.00
C ALA B 77 -9.49 -0.77 7.98
N TRP B 78 -8.51 -1.58 7.52
CA TRP B 78 -7.79 -2.40 8.46
C TRP B 78 -6.80 -1.56 9.25
N ASP B 79 -6.11 -0.62 8.59
CA ASP B 79 -5.17 0.25 9.28
C ASP B 79 -5.93 1.02 10.37
N ILE B 80 -7.12 1.52 10.01
CA ILE B 80 -7.96 2.27 10.94
C ILE B 80 -8.45 1.31 12.02
N GLY B 81 -8.97 0.15 11.62
CA GLY B 81 -9.73 -0.69 12.54
C GLY B 81 -8.83 -1.44 13.53
N VAL B 82 -7.70 -1.99 13.02
CA VAL B 82 -6.86 -2.80 13.85
C VAL B 82 -6.12 -1.90 14.83
N ALA B 83 -5.91 -0.61 14.49
CA ALA B 83 -5.35 0.34 15.43
C ALA B 83 -6.24 0.57 16.65
N THR B 84 -7.53 0.23 16.57
CA THR B 84 -8.41 0.37 17.73
C THR B 84 -8.44 -0.92 18.59
N MET B 85 -7.74 -1.99 18.23
CA MET B 85 -8.01 -3.27 18.88
C MET B 85 -6.96 -3.61 19.95
N LYS B 86 -7.39 -4.37 20.98
CA LYS B 86 -6.46 -4.81 22.02
C LYS B 86 -6.06 -6.26 21.74
N LYS B 87 -4.97 -6.75 22.39
CA LYS B 87 -4.52 -8.13 22.23
C LYS B 87 -5.63 -9.06 22.70
N GLY B 88 -5.94 -10.09 21.92
CA GLY B 88 -6.96 -11.05 22.31
C GLY B 88 -8.38 -10.62 21.93
N GLU B 89 -8.55 -9.38 21.43
CA GLU B 89 -9.85 -8.89 20.99
C GLU B 89 -10.29 -9.55 19.68
N ILE B 90 -11.58 -9.96 19.62
CA ILE B 90 -12.24 -10.20 18.36
C ILE B 90 -13.23 -9.04 18.10
N ALA B 91 -13.14 -8.46 16.90
CA ALA B 91 -14.04 -7.40 16.46
C ALA B 91 -14.66 -7.72 15.11
N HIS B 92 -15.83 -7.12 14.85
CA HIS B 92 -16.50 -7.11 13.56
C HIS B 92 -16.45 -5.71 12.93
N LEU B 93 -16.01 -5.62 11.67
CA LEU B 93 -15.92 -4.37 10.91
C LEU B 93 -16.77 -4.49 9.65
N LEU B 94 -17.60 -3.46 9.40
CA LEU B 94 -18.32 -3.32 8.14
C LEU B 94 -17.76 -2.09 7.43
N ILE B 95 -17.43 -2.29 6.16
CA ILE B 95 -16.59 -1.36 5.43
C ILE B 95 -17.20 -0.98 4.09
N LYS B 96 -17.40 0.32 3.94
CA LYS B 96 -17.80 0.94 2.68
C LYS B 96 -16.63 1.01 1.72
N PRO B 97 -16.90 1.03 0.38
CA PRO B 97 -15.85 0.88 -0.63
C PRO B 97 -14.71 1.89 -0.53
N GLU B 98 -15.00 3.09 -0.08
CA GLU B 98 -13.99 4.13 0.10
C GLU B 98 -12.81 3.73 0.98
N TYR B 99 -13.02 2.82 1.94
CA TYR B 99 -12.02 2.41 2.88
C TYR B 99 -11.56 0.97 2.54
N ALA B 100 -11.91 0.46 1.35
CA ALA B 100 -11.55 -0.87 0.91
C ALA B 100 -10.98 -0.79 -0.50
N TYR B 101 -11.76 -1.14 -1.52
CA TYR B 101 -11.19 -1.25 -2.86
C TYR B 101 -11.79 -0.29 -3.87
N GLY B 102 -12.68 0.59 -3.43
CA GLY B 102 -13.07 1.76 -4.18
C GLY B 102 -13.89 1.45 -5.42
N SER B 103 -13.88 2.42 -6.36
CA SER B 103 -14.66 2.24 -7.57
C SER B 103 -14.00 1.19 -8.43
N ALA B 104 -12.66 1.11 -8.43
CA ALA B 104 -11.97 0.19 -9.31
C ALA B 104 -12.15 -1.23 -8.81
N GLY B 105 -12.29 -1.39 -7.50
CA GLY B 105 -12.29 -2.74 -6.95
C GLY B 105 -10.94 -3.41 -7.15
N SER B 106 -10.94 -4.76 -7.16
CA SER B 106 -9.76 -5.57 -7.27
C SER B 106 -10.18 -6.88 -7.95
N LEU B 107 -10.45 -6.73 -9.24
CA LEU B 107 -11.07 -7.74 -10.06
C LEU B 107 -10.14 -8.92 -10.28
N PRO B 108 -10.68 -10.15 -10.38
CA PRO B 108 -12.08 -10.45 -10.18
C PRO B 108 -12.49 -10.72 -8.73
N LYS B 109 -11.54 -10.74 -7.78
CA LYS B 109 -11.85 -11.10 -6.38
C LYS B 109 -12.81 -10.10 -5.74
N ILE B 110 -12.58 -8.80 -5.91
CA ILE B 110 -13.42 -7.77 -5.33
C ILE B 110 -14.07 -6.96 -6.42
N PRO B 111 -15.43 -6.87 -6.54
CA PRO B 111 -16.00 -6.07 -7.61
C PRO B 111 -15.88 -4.57 -7.27
N SER B 112 -16.26 -3.76 -8.24
CA SER B 112 -16.39 -2.32 -8.08
C SER B 112 -17.41 -2.01 -6.98
N ASN B 113 -17.06 -1.01 -6.14
CA ASN B 113 -17.96 -0.41 -5.18
C ASN B 113 -18.41 -1.47 -4.15
N ALA B 114 -17.50 -2.40 -3.76
CA ALA B 114 -17.90 -3.46 -2.82
C ALA B 114 -17.84 -3.01 -1.34
N THR B 115 -18.88 -3.38 -0.58
CA THR B 115 -18.85 -3.32 0.87
C THR B 115 -18.34 -4.66 1.38
N LEU B 116 -17.48 -4.64 2.41
CA LEU B 116 -16.88 -5.86 2.94
C LEU B 116 -17.16 -5.95 4.43
N PHE B 117 -17.21 -7.18 4.92
CA PHE B 117 -17.34 -7.49 6.33
C PHE B 117 -16.19 -8.37 6.77
N PHE B 118 -15.68 -8.10 7.97
CA PHE B 118 -14.62 -8.92 8.55
C PHE B 118 -14.91 -9.21 10.01
N GLU B 119 -14.59 -10.45 10.41
CA GLU B 119 -14.32 -10.73 11.82
C GLU B 119 -12.80 -10.78 11.97
N ILE B 120 -12.26 -10.03 12.94
CA ILE B 120 -10.82 -10.02 13.14
C ILE B 120 -10.51 -10.39 14.59
N GLU B 121 -9.60 -11.38 14.73
CA GLU B 121 -8.97 -11.63 16.02
C GLU B 121 -7.54 -11.06 16.05
N LEU B 122 -7.31 -10.10 16.96
CA LEU B 122 -5.96 -9.58 17.19
C LEU B 122 -5.15 -10.51 18.10
N LEU B 123 -4.26 -11.32 17.49
CA LEU B 123 -3.55 -12.36 18.18
C LEU B 123 -2.38 -11.76 18.95
N ASP B 124 -1.53 -10.99 18.25
CA ASP B 124 -0.39 -10.31 18.88
C ASP B 124 0.05 -9.12 18.04
N PHE B 125 0.83 -8.20 18.65
CA PHE B 125 1.54 -7.16 17.91
C PHE B 125 2.82 -6.80 18.65
N LYS B 126 3.93 -6.69 17.90
CA LYS B 126 5.26 -6.36 18.41
C LYS B 126 5.76 -5.09 17.70
N GLY B 127 6.55 -4.29 18.43
CA GLY B 127 7.08 -3.07 17.86
C GLY B 127 8.23 -3.40 16.90
N GLU B 128 8.27 -2.76 15.73
CA GLU B 128 9.48 -2.82 14.90
C GLU B 128 10.72 -2.60 15.82
CAK A1IN3 C . 0.49 9.62 -7.69
CAL A1IN3 C . -0.41 9.10 -8.68
CAM A1IN3 C . 0.20 8.88 -10.04
CAN A1IN3 C . 1.37 7.84 -9.81
CAO A1IN3 C . 2.37 8.40 -8.87
CAJ A1IN3 C . 1.69 8.62 -7.54
CAI A1IN3 C . 2.70 9.13 -6.48
CAB A1IN3 C . 3.67 8.06 -6.12
OAA A1IN3 C . 3.29 6.88 -6.15
N A1IN3 C . 4.95 8.41 -5.69
CAH A1IN3 C . 5.31 9.85 -5.46
CAG A1IN3 C . 6.79 10.14 -5.85
CAF A1IN3 C . 7.65 9.25 -5.07
CB A1IN3 C . 7.48 7.80 -5.57
CA A1IN3 C . 6.01 7.37 -5.25
C A1IN3 C . 5.81 7.13 -3.89
O A1IN3 C . 6.52 6.34 -3.31
OBC A1IN3 C . 4.84 7.89 -3.19
CBB A1IN3 C . 4.77 7.56 -1.75
CBA A1IN3 C . 3.41 8.04 -1.28
CAZ A1IN3 C . 3.50 9.46 -1.20
CAY A1IN3 C . 2.46 10.21 -0.69
CAX A1IN3 C . 2.54 11.59 -0.82
CAW A1IN3 C . 1.02 12.03 -0.89
OAV A1IN3 C . 0.27 11.21 -1.92
CAU A1IN3 C . 0.87 10.76 -3.07
CAR A1IN3 C . 0.87 9.37 -3.29
OAS A1IN3 C . 0.24 8.63 -2.30
CAT A1IN3 C . -0.06 7.27 -2.57
CAQ A1IN3 C . 1.45 8.83 -4.40
CAP A1IN3 C . 2.10 9.67 -5.31
CBI A1IN3 C . 2.06 11.09 -5.07
CBF A1IN3 C . 1.46 11.63 -3.92
OBG A1IN3 C . 1.38 13.02 -3.54
CBH A1IN3 C . 1.81 13.94 -4.54
HAK A1IN3 C . 0.06 9.54 -6.74
HB6 A1IN3 C . 1.10 10.55 -7.83
HAL A1IN3 C . -1.24 9.81 -8.80
HB7 A1IN3 C . -0.81 8.16 -8.33
HAM A1IN3 C . 0.59 9.81 -10.44
HB8 A1IN3 C . -0.54 8.46 -10.72
HAN A1IN3 C . 1.85 7.64 -10.77
HB9 A1IN3 C . 0.96 6.92 -9.40
HCA A1IN3 C . 3.12 7.73 -8.62
HAO A1IN3 C . 2.72 9.39 -9.08
HAJ A1IN3 C . 1.28 7.66 -7.21
HAI A1IN3 C . 3.24 9.92 -6.98
HAH A1IN3 C . 5.17 10.10 -4.41
HB5 A1IN3 C . 4.70 10.51 -6.05
HAG A1IN3 C . 7.20 11.07 -5.50
HB4 A1IN3 C . 7.06 9.87 -6.82
HAF A1IN3 C . 7.38 9.16 -4.07
HB3 A1IN3 C . 8.67 9.39 -5.24
HB2 A1IN3 C . 7.50 7.66 -6.60
HB1 A1IN3 C . 8.10 7.16 -5.03
HA A1IN3 C . 5.81 6.44 -5.79
HCG A1IN3 C . 4.68 6.54 -1.50
HBB A1IN3 C . 5.42 8.09 -1.11
HCF A1IN3 C . 2.81 7.98 -2.10
HBA A1IN3 C . 2.84 7.54 -0.52
HAZ A1IN3 C . 4.33 9.97 -1.69
HAY A1IN3 C . 1.59 9.72 -0.28
HCE A1IN3 C . 2.86 12.06 0.06
HAX A1IN3 C . 2.98 11.97 -1.69
HCD A1IN3 C . 0.39 11.71 -0.10
HAW A1IN3 C . 0.81 12.97 -1.32
HCC A1IN3 C . -0.69 6.88 -1.77
HAT A1IN3 C . 0.87 6.68 -2.59
HCB A1IN3 C . -0.58 7.16 -3.52
HAQ A1IN3 C . 1.45 7.75 -4.56
HBI A1IN3 C . 2.55 11.75 -5.77
HCI A1IN3 C . 1.63 14.96 -4.19
HBH A1IN3 C . 1.25 13.77 -5.46
HCH A1IN3 C . 2.88 13.81 -4.73
CAK A1IN3 D . -11.04 -11.59 0.05
CAL A1IN3 D . -12.40 -11.67 -0.57
CAM A1IN3 D . -13.46 -11.55 0.60
CAN A1IN3 D . -13.18 -10.25 1.35
CAO A1IN3 D . -11.82 -10.20 1.96
CAJ A1IN3 D . -10.86 -10.30 0.84
CAI A1IN3 D . -9.44 -10.17 1.37
CAB A1IN3 D . -9.08 -8.86 1.79
OAA A1IN3 D . -9.62 -7.83 1.30
N A1IN3 D . -8.17 -8.63 2.78
CAH A1IN3 D . -7.35 -9.74 3.41
CAG A1IN3 D . -7.05 -9.62 4.80
CAF A1IN3 D . -6.44 -8.31 4.98
CB A1IN3 D . -7.45 -7.20 4.65
CA A1IN3 D . -7.75 -7.21 3.15
C A1IN3 D . -6.63 -6.67 2.40
O A1IN3 D . -6.14 -5.57 2.69
OBC A1IN3 D . -6.22 -7.45 1.35
CBB A1IN3 D . -5.10 -7.06 0.42
CBA A1IN3 D . -4.06 -8.02 0.68
CAZ A1IN3 D . -4.41 -9.30 0.11
CAY A1IN3 D . -3.36 -10.02 -0.47
CAX A1IN3 D . -3.50 -11.28 -1.08
CAW A1IN3 D . -4.22 -10.86 -2.37
OAV A1IN3 D . -5.53 -11.46 -2.48
CAU A1IN3 D . -6.44 -11.26 -1.52
CAR A1IN3 D . -7.14 -10.08 -1.65
OAS A1IN3 D . -6.72 -9.25 -2.62
CAT A1IN3 D . -7.68 -9.16 -3.66
CAQ A1IN3 D . -8.09 -9.71 -0.72
CAP A1IN3 D . -8.42 -10.59 0.36
CBI A1IN3 D . -7.72 -11.81 0.46
CBF A1IN3 D . -6.69 -12.15 -0.50
OBG A1IN3 D . -6.07 -13.37 -0.56
CBH A1IN3 D . -5.94 -14.19 0.64
HAK A1IN3 D . -10.28 -11.60 -0.62
HB6 A1IN3 D . -11.15 -12.48 0.63
HAL A1IN3 D . -12.51 -12.64 -1.08
HB7 A1IN3 D . -12.54 -10.87 -1.28
HAM A1IN3 D . -13.38 -12.40 1.28
HB8 A1IN3 D . -14.47 -11.52 0.18
HAN A1IN3 D . -13.91 -10.14 2.15
HB9 A1IN3 D . -13.28 -9.41 0.66
HCA A1IN3 D . -11.56 -9.30 2.40
HAO A1IN3 D . -11.59 -11.06 2.51
HAJ A1IN3 D . -11.06 -9.48 0.16
HAI A1IN3 D . -9.38 -10.85 2.21
HAH A1IN3 D . -6.40 -9.80 2.87
HB5 A1IN3 D . -7.86 -10.69 3.30
HAG A1IN3 D . -6.33 -10.29 5.12
HB4 A1IN3 D . -7.88 -9.55 5.43
HAF A1IN3 D . -5.64 -8.09 4.34
HB3 A1IN3 D . -6.23 -8.10 5.98
HB2 A1IN3 D . -8.41 -7.38 5.02
HB1 A1IN3 D . -7.14 -6.23 4.78
HA A1IN3 D . -8.60 -6.55 3.01
HCG A1IN3 D . -5.23 -7.22 -0.62
HBB A1IN3 D . -4.50 -6.17 0.68
HCF A1IN3 D . -3.13 -7.78 0.26
HBA A1IN3 D . -4.02 -8.31 1.69
HAZ A1IN3 D . -5.41 -9.70 0.20
HAY A1IN3 D . -2.36 -9.57 -0.51
HCE A1IN3 D . -2.61 -11.71 -1.45
HAX A1IN3 D . -4.17 -11.97 -0.62
HCD A1IN3 D . -4.51 -9.85 -2.46
HAW A1IN3 D . -3.82 -11.28 -3.24
HCC A1IN3 D . -7.27 -8.57 -4.47
HAT A1IN3 D . -8.58 -8.66 -3.29
HCB A1IN3 D . -7.94 -10.15 -4.03
HAQ A1IN3 D . -8.56 -8.73 -0.81
HBI A1IN3 D . -7.96 -12.52 1.24
HCI A1IN3 D . -5.22 -14.98 0.46
HBH A1IN3 D . -6.91 -14.63 0.88
HCH A1IN3 D . -5.61 -13.57 1.47
#